data_4N33
#
_entry.id   4N33
#
_cell.length_a   79.420
_cell.length_b   79.420
_cell.length_c   91.710
_cell.angle_alpha   90.00
_cell.angle_beta   90.00
_cell.angle_gamma   90.00
#
_symmetry.space_group_name_H-M   'P 42'
#
loop_
_entity.id
_entity.type
_entity.pdbx_description
1 polymer 'C-type lectin domain family 4 member K'
2 branched 2-acetamido-2-deoxy-beta-D-glucopyranose-(1-3)-beta-D-galactopyranose-(1-4)-beta-D-glucopyranose
3 branched 2-acetamido-2-deoxy-beta-D-glucopyranose-(1-3)-beta-D-galactopyranose
4 non-polymer 'CALCIUM ION'
5 water water
#
_entity_poly.entity_id   1
_entity_poly.type   'polypeptide(L)'
_entity_poly.pdbx_seq_one_letter_code
;QVVSQGWKYFKGNFYYFSLIPKTWYSAEQFCVSRNSHLTSVTSESEQEFLYKTAGGLIYWIGLTKAGMEGDWSWVDDTPF
NKVQSARFWIPGEPNNAGNNEHCGNIKAPSLQAWNDAPCDKTFLFICKRPYVPSEP
;
_entity_poly.pdbx_strand_id   A,B,C,D
#
loop_
_chem_comp.id
_chem_comp.type
_chem_comp.name
_chem_comp.formula
BGC D-saccharide, beta linking beta-D-glucopyranose 'C6 H12 O6'
CA non-polymer 'CALCIUM ION' 'Ca 2'
GAL D-saccharide, beta linking beta-D-galactopyranose 'C6 H12 O6'
NAG D-saccharide, beta linking 2-acetamido-2-deoxy-beta-D-glucopyranose 'C8 H15 N O6'
#
# COMPACT_ATOMS: atom_id res chain seq x y z
N GLY A 6 -12.91 10.35 23.48
CA GLY A 6 -12.50 9.30 24.40
C GLY A 6 -11.29 8.52 23.91
N TRP A 7 -10.44 9.18 23.13
CA TRP A 7 -9.20 8.54 22.69
C TRP A 7 -8.18 8.56 23.83
N LYS A 8 -7.56 7.41 24.08
CA LYS A 8 -6.55 7.27 25.11
C LYS A 8 -5.13 7.39 24.53
N TYR A 9 -4.27 8.15 25.19
CA TYR A 9 -2.91 8.40 24.70
C TYR A 9 -1.86 7.43 25.25
N PHE A 10 -1.02 6.90 24.37
CA PHE A 10 0.03 5.96 24.80
C PHE A 10 1.19 5.98 23.81
N LYS A 11 2.35 6.40 24.30
CA LYS A 11 3.59 6.44 23.52
C LYS A 11 3.45 6.89 22.06
N GLY A 12 2.95 8.10 21.86
CA GLY A 12 2.90 8.70 20.54
C GLY A 12 1.69 8.37 19.70
N ASN A 13 0.79 7.56 20.25
CA ASN A 13 -0.46 7.20 19.58
C ASN A 13 -1.69 7.39 20.46
N PHE A 14 -2.82 7.66 19.81
CA PHE A 14 -4.11 7.68 20.46
C PHE A 14 -4.86 6.41 20.09
N TYR A 15 -5.61 5.88 21.05
CA TYR A 15 -6.35 4.64 20.91
C TYR A 15 -7.82 4.83 21.24
N TYR A 16 -8.68 4.27 20.40
CA TYR A 16 -10.12 4.33 20.61
C TYR A 16 -10.64 2.93 20.92
N PHE A 17 -11.11 2.73 22.13
CA PHE A 17 -11.73 1.47 22.51
C PHE A 17 -13.22 1.61 22.30
N SER A 18 -13.73 0.89 21.32
CA SER A 18 -15.11 1.09 20.88
C SER A 18 -16.13 0.66 21.92
N LEU A 19 -17.32 1.23 21.83
CA LEU A 19 -18.42 0.92 22.72
C LEU A 19 -19.46 0.06 22.01
N ILE A 20 -19.38 0.01 20.68
CA ILE A 20 -20.32 -0.74 19.85
C ILE A 20 -19.55 -1.80 19.08
N PRO A 21 -20.07 -3.03 19.04
CA PRO A 21 -19.31 -4.07 18.33
C PRO A 21 -19.60 -4.07 16.83
N LYS A 22 -18.63 -4.52 16.04
CA LYS A 22 -18.76 -4.59 14.59
C LYS A 22 -17.95 -5.78 14.09
N THR A 23 -18.18 -6.18 12.84
CA THR A 23 -17.32 -7.17 12.21
C THR A 23 -15.95 -6.53 12.03
N TRP A 24 -14.94 -7.36 11.73
CA TRP A 24 -13.58 -6.85 11.57
C TRP A 24 -13.52 -5.75 10.52
N TYR A 25 -14.10 -6.00 9.36
CA TYR A 25 -13.99 -5.01 8.28
C TYR A 25 -14.82 -3.76 8.54
N SER A 26 -16.01 -3.92 9.10
CA SER A 26 -16.82 -2.76 9.42
C SER A 26 -16.13 -1.91 10.48
N ALA A 27 -15.45 -2.57 11.41
CA ALA A 27 -14.62 -1.89 12.40
C ALA A 27 -13.52 -1.11 11.71
N GLU A 28 -12.77 -1.78 10.84
CA GLU A 28 -11.69 -1.10 10.12
C GLU A 28 -12.20 0.12 9.37
N GLN A 29 -13.36 0.00 8.74
CA GLN A 29 -13.96 1.13 8.01
C GLN A 29 -14.30 2.26 8.95
N PHE A 30 -14.77 1.91 10.14
CA PHE A 30 -15.03 2.93 11.14
C PHE A 30 -13.73 3.67 11.50
N CYS A 31 -12.67 2.91 11.83
CA CYS A 31 -11.38 3.51 12.17
C CYS A 31 -10.90 4.42 11.04
N VAL A 32 -11.02 3.96 9.81
CA VAL A 32 -10.57 4.73 8.65
C VAL A 32 -11.36 6.04 8.50
N SER A 33 -12.64 6.01 8.89
CA SER A 33 -13.46 7.21 8.85
C SER A 33 -13.04 8.21 9.92
N ARG A 34 -12.29 7.73 10.91
CA ARG A 34 -11.77 8.59 11.98
C ARG A 34 -10.27 8.77 11.84
N ASN A 35 -9.78 8.70 10.61
CA ASN A 35 -8.36 8.90 10.32
C ASN A 35 -7.43 7.97 11.10
N SER A 36 -7.83 6.71 11.23
CA SER A 36 -7.06 5.72 11.99
C SER A 36 -7.18 4.34 11.36
N HIS A 37 -6.65 3.35 12.06
CA HIS A 37 -6.72 1.96 11.61
C HIS A 37 -6.92 1.10 12.85
N LEU A 38 -7.48 -0.09 12.67
CA LEU A 38 -7.43 -1.08 13.74
C LEU A 38 -5.98 -1.24 14.20
N THR A 39 -5.77 -1.34 15.50
CA THR A 39 -4.43 -1.21 16.06
C THR A 39 -3.44 -2.33 15.66
N SER A 40 -2.19 -1.95 15.39
CA SER A 40 -1.10 -2.90 15.33
C SER A 40 -0.54 -3.05 16.74
N VAL A 41 0.28 -4.07 16.95
CA VAL A 41 0.93 -4.28 18.23
C VAL A 41 2.39 -4.59 17.91
N THR A 42 3.30 -3.76 18.41
CA THR A 42 4.69 -3.88 17.99
C THR A 42 5.67 -3.96 19.15
N SER A 43 5.14 -3.96 20.37
CA SER A 43 6.01 -4.15 21.55
C SER A 43 5.26 -4.85 22.66
N GLU A 44 6.00 -5.41 23.61
CA GLU A 44 5.40 -5.99 24.80
C GLU A 44 4.68 -4.91 25.61
N SER A 45 5.27 -3.72 25.64
CA SER A 45 4.69 -2.57 26.32
C SER A 45 3.31 -2.19 25.76
N GLU A 46 3.20 -2.18 24.43
CA GLU A 46 1.94 -1.86 23.78
C GLU A 46 0.92 -3.00 23.96
N GLN A 47 1.38 -4.23 23.86
CA GLN A 47 0.50 -5.38 24.08
C GLN A 47 -0.12 -5.28 25.46
N GLU A 48 0.73 -4.91 26.43
CA GLU A 48 0.33 -4.77 27.83
C GLU A 48 -0.67 -3.64 28.01
N PHE A 49 -0.40 -2.49 27.41
CA PHE A 49 -1.34 -1.38 27.42
C PHE A 49 -2.71 -1.80 26.88
N LEU A 50 -2.71 -2.52 25.76
CA LEU A 50 -3.97 -2.89 25.10
C LEU A 50 -4.79 -3.89 25.91
N TYR A 51 -4.16 -4.98 26.36
CA TYR A 51 -4.94 -6.03 27.06
C TYR A 51 -5.41 -5.54 28.42
N LYS A 52 -4.57 -4.77 29.10
CA LYS A 52 -4.99 -4.19 30.37
C LYS A 52 -6.16 -3.24 30.19
N THR A 53 -6.10 -2.38 29.17
CA THR A 53 -7.21 -1.46 28.92
C THR A 53 -8.45 -2.20 28.45
N ALA A 54 -8.26 -3.35 27.78
CA ALA A 54 -9.39 -4.14 27.31
C ALA A 54 -10.20 -4.71 28.48
N GLY A 55 -9.56 -4.80 29.65
CA GLY A 55 -10.25 -5.22 30.86
C GLY A 55 -11.00 -6.54 30.78
N GLY A 56 -10.43 -7.51 30.08
CA GLY A 56 -11.00 -8.83 30.00
C GLY A 56 -12.06 -9.05 28.95
N LEU A 57 -12.35 -8.03 28.13
CA LEU A 57 -13.31 -8.16 27.04
C LEU A 57 -12.56 -8.35 25.71
N ILE A 58 -13.28 -8.80 24.70
CA ILE A 58 -12.68 -9.10 23.39
C ILE A 58 -12.78 -7.93 22.42
N TYR A 59 -11.63 -7.53 21.85
CA TYR A 59 -11.56 -6.44 20.90
C TYR A 59 -10.81 -6.85 19.66
N TRP A 60 -11.42 -6.60 18.50
CA TRP A 60 -10.72 -6.74 17.23
C TRP A 60 -9.49 -5.85 17.25
N ILE A 61 -8.38 -6.36 16.72
CA ILE A 61 -7.21 -5.53 16.43
C ILE A 61 -6.89 -5.66 14.95
N GLY A 62 -5.77 -5.09 14.49
CA GLY A 62 -5.50 -4.98 13.07
C GLY A 62 -4.98 -6.24 12.39
N LEU A 63 -5.03 -7.36 13.10
CA LEU A 63 -4.50 -8.64 12.59
C LEU A 63 -5.39 -9.20 11.49
N THR A 64 -4.80 -9.50 10.35
CA THR A 64 -5.55 -10.13 9.27
C THR A 64 -4.61 -10.86 8.29
N LYS A 65 -5.11 -11.87 7.60
CA LYS A 65 -4.28 -12.61 6.64
C LYS A 65 -4.06 -11.85 5.33
N ALA A 66 -2.88 -12.03 4.74
CA ALA A 66 -2.52 -11.37 3.48
C ALA A 66 -1.64 -12.31 2.65
N GLY A 67 -1.77 -12.24 1.33
CA GLY A 67 -1.01 -13.10 0.44
C GLY A 67 -1.59 -14.50 0.30
N MET A 68 -1.06 -15.26 -0.66
CA MET A 68 -1.52 -16.62 -0.94
C MET A 68 -1.33 -17.57 0.22
N GLU A 69 -0.24 -17.38 0.96
CA GLU A 69 0.15 -18.31 2.01
C GLU A 69 -0.68 -18.14 3.28
N GLY A 70 -1.50 -17.09 3.32
CA GLY A 70 -2.28 -16.83 4.51
C GLY A 70 -1.42 -16.37 5.68
N ASP A 71 -0.33 -15.66 5.37
CA ASP A 71 0.52 -15.06 6.40
C ASP A 71 -0.22 -13.95 7.14
N TRP A 72 0.01 -13.82 8.43
CA TRP A 72 -0.62 -12.74 9.19
C TRP A 72 0.00 -11.41 8.81
N SER A 73 -0.78 -10.34 8.94
CA SER A 73 -0.31 -9.02 8.57
C SER A 73 -1.06 -7.99 9.41
N TRP A 74 -0.57 -6.76 9.39
CA TRP A 74 -1.24 -5.64 10.06
C TRP A 74 -1.95 -4.77 9.03
N VAL A 75 -3.22 -4.47 9.27
CA VAL A 75 -3.97 -3.64 8.34
C VAL A 75 -3.37 -2.23 8.18
N ASP A 76 -2.64 -1.75 9.20
CA ASP A 76 -2.06 -0.39 9.10
C ASP A 76 -0.74 -0.40 8.32
N ASP A 77 -0.44 -1.55 7.74
CA ASP A 77 0.77 -1.81 6.96
C ASP A 77 2.11 -1.92 7.72
N THR A 78 2.06 -1.87 9.05
CA THR A 78 3.23 -2.24 9.84
C THR A 78 3.63 -3.67 9.40
N PRO A 79 4.91 -3.87 9.03
CA PRO A 79 5.39 -5.23 8.74
C PRO A 79 5.13 -6.20 9.89
N PHE A 80 4.61 -7.38 9.57
CA PHE A 80 4.33 -8.34 10.61
C PHE A 80 5.58 -9.16 10.91
N ASN A 81 5.96 -9.19 12.19
CA ASN A 81 7.17 -9.87 12.64
C ASN A 81 6.77 -11.20 13.26
N LYS A 82 6.92 -12.28 12.50
CA LYS A 82 6.48 -13.61 12.95
C LYS A 82 7.21 -14.06 14.21
N VAL A 83 8.49 -13.71 14.31
CA VAL A 83 9.31 -14.07 15.47
C VAL A 83 8.93 -13.31 16.72
N GLN A 84 8.92 -11.98 16.65
CA GLN A 84 8.64 -11.18 17.83
C GLN A 84 7.19 -11.32 18.30
N SER A 85 6.30 -11.77 17.42
CA SER A 85 4.87 -11.84 17.76
CA SER A 85 4.87 -11.85 17.75
C SER A 85 4.44 -13.22 18.25
N ALA A 86 5.22 -14.24 17.94
CA ALA A 86 4.90 -15.63 18.33
C ALA A 86 4.48 -15.77 19.79
N ARG A 87 5.02 -14.89 20.63
CA ARG A 87 4.72 -14.86 22.06
C ARG A 87 3.38 -14.21 22.42
N PHE A 88 2.71 -13.58 21.46
CA PHE A 88 1.52 -12.78 21.77
C PHE A 88 0.21 -13.54 21.56
N TRP A 89 0.30 -14.77 21.06
CA TRP A 89 -0.87 -15.59 20.86
C TRP A 89 -1.18 -16.40 22.11
N ILE A 90 -2.47 -16.58 22.37
CA ILE A 90 -2.98 -17.55 23.33
C ILE A 90 -2.48 -18.94 22.92
N PRO A 91 -1.99 -19.74 23.88
CA PRO A 91 -1.54 -21.10 23.59
C PRO A 91 -2.52 -21.87 22.71
N GLY A 92 -2.03 -22.38 21.58
CA GLY A 92 -2.88 -23.11 20.66
C GLY A 92 -3.42 -22.26 19.53
N GLU A 93 -3.20 -20.96 19.62
CA GLU A 93 -3.59 -20.03 18.57
C GLU A 93 -2.32 -19.56 17.86
N PRO A 94 -2.44 -19.16 16.57
CA PRO A 94 -3.67 -19.23 15.79
C PRO A 94 -3.97 -20.67 15.41
N ASN A 95 -5.24 -21.06 15.40
CA ASN A 95 -5.59 -22.44 15.05
C ASN A 95 -6.46 -22.59 13.81
N ASN A 96 -6.85 -21.46 13.22
CA ASN A 96 -7.74 -21.46 12.05
C ASN A 96 -8.92 -22.42 12.23
N ALA A 97 -9.51 -22.39 13.42
CA ALA A 97 -10.65 -23.23 13.75
C ALA A 97 -11.76 -23.11 12.71
N GLY A 98 -12.22 -24.23 12.17
CA GLY A 98 -13.23 -24.24 11.14
C GLY A 98 -12.72 -23.79 9.79
N ASN A 99 -11.41 -23.55 9.70
CA ASN A 99 -10.78 -23.01 8.47
C ASN A 99 -11.45 -21.72 7.99
N ASN A 100 -11.86 -20.88 8.92
CA ASN A 100 -12.51 -19.63 8.56
C ASN A 100 -12.11 -18.49 9.52
N GLU A 101 -10.89 -18.52 10.03
CA GLU A 101 -10.45 -17.50 10.98
C GLU A 101 -9.28 -16.70 10.43
N HIS A 102 -9.61 -15.66 9.67
CA HIS A 102 -8.60 -14.92 8.92
C HIS A 102 -8.35 -13.51 9.49
N CYS A 103 -8.89 -13.25 10.68
CA CYS A 103 -8.69 -11.98 11.41
C CYS A 103 -8.35 -12.27 12.86
N GLY A 104 -7.80 -11.29 13.57
CA GLY A 104 -7.33 -11.51 14.93
C GLY A 104 -7.85 -10.49 15.93
N ASN A 105 -8.04 -10.95 17.17
CA ASN A 105 -8.48 -10.07 18.27
C ASN A 105 -7.69 -10.29 19.55
N ILE A 106 -7.79 -9.33 20.46
CA ILE A 106 -7.30 -9.51 21.81
C ILE A 106 -8.42 -10.18 22.61
N LYS A 107 -8.12 -11.33 23.20
CA LYS A 107 -9.17 -12.15 23.83
C LYS A 107 -8.90 -12.40 25.31
N ALA A 108 -7.64 -12.63 25.66
CA ALA A 108 -7.26 -12.93 27.03
C ALA A 108 -6.44 -11.80 27.66
N PRO A 109 -6.68 -11.52 28.94
CA PRO A 109 -5.91 -10.51 29.66
C PRO A 109 -4.55 -11.08 30.07
N SER A 110 -3.64 -11.16 29.11
CA SER A 110 -2.34 -11.78 29.31
C SER A 110 -1.45 -11.37 28.15
N LEU A 111 -0.13 -11.51 28.29
CA LEU A 111 0.76 -11.26 27.17
C LEU A 111 0.43 -12.17 26.02
N GLN A 112 0.04 -13.41 26.34
CA GLN A 112 -0.51 -14.32 25.35
C GLN A 112 -2.00 -14.05 25.23
N ALA A 113 -2.35 -13.11 24.37
CA ALA A 113 -3.67 -12.48 24.38
C ALA A 113 -4.46 -12.78 23.13
N TRP A 114 -3.77 -13.01 22.03
CA TRP A 114 -4.43 -13.04 20.72
C TRP A 114 -5.13 -14.34 20.37
N ASN A 115 -6.27 -14.19 19.68
CA ASN A 115 -6.96 -15.31 19.03
C ASN A 115 -7.34 -14.95 17.60
N ASP A 116 -7.23 -15.91 16.70
CA ASP A 116 -7.81 -15.74 15.37
C ASP A 116 -9.26 -16.20 15.43
N ALA A 117 -10.15 -15.42 14.84
CA ALA A 117 -11.59 -15.70 14.85
C ALA A 117 -12.12 -15.36 13.47
N PRO A 118 -13.34 -15.81 13.14
CA PRO A 118 -13.93 -15.42 11.86
C PRO A 118 -14.15 -13.92 11.75
N CYS A 119 -13.74 -13.37 10.61
CA CYS A 119 -13.83 -11.93 10.35
C CYS A 119 -15.25 -11.42 10.43
N ASP A 120 -16.21 -12.32 10.22
CA ASP A 120 -17.62 -11.91 10.24
C ASP A 120 -18.25 -11.87 11.64
N LYS A 121 -17.52 -12.29 12.67
CA LYS A 121 -18.01 -12.16 14.04
C LYS A 121 -17.98 -10.71 14.50
N THR A 122 -18.91 -10.31 15.36
CA THR A 122 -18.92 -8.94 15.86
C THR A 122 -18.32 -8.83 17.25
N PHE A 123 -17.37 -7.92 17.41
CA PHE A 123 -16.75 -7.65 18.69
C PHE A 123 -16.53 -6.15 18.79
N LEU A 124 -16.27 -5.68 20.01
CA LEU A 124 -15.72 -4.35 20.19
C LEU A 124 -14.37 -4.33 19.47
N PHE A 125 -13.83 -3.14 19.24
CA PHE A 125 -12.60 -3.03 18.45
C PHE A 125 -11.77 -1.84 18.92
N ILE A 126 -10.48 -1.86 18.58
CA ILE A 126 -9.57 -0.78 18.97
C ILE A 126 -8.92 -0.09 17.77
N CYS A 127 -9.17 1.21 17.61
CA CYS A 127 -8.49 2.00 16.58
C CYS A 127 -7.23 2.65 17.13
N LYS A 128 -6.25 2.88 16.26
CA LYS A 128 -5.01 3.55 16.60
C LYS A 128 -4.71 4.66 15.59
N ARG A 129 -4.36 5.83 16.12
CA ARG A 129 -4.12 7.02 15.31
C ARG A 129 -2.82 7.67 15.85
N PRO A 130 -1.83 7.93 14.97
CA PRO A 130 -0.62 8.60 15.47
C PRO A 130 -0.92 10.02 15.94
N TYR A 131 -0.19 10.51 16.93
CA TYR A 131 -0.21 11.93 17.24
C TYR A 131 0.74 12.62 16.27
N VAL A 132 0.23 13.60 15.53
CA VAL A 132 1.07 14.38 14.63
C VAL A 132 0.99 15.87 15.00
N PRO A 133 2.09 16.40 15.56
CA PRO A 133 2.23 17.80 16.01
C PRO A 133 2.62 18.69 14.85
N GLY B 6 -0.56 24.66 -13.99
CA GLY B 6 -1.05 24.30 -15.31
C GLY B 6 -1.34 22.82 -15.47
N TRP B 7 -2.32 22.32 -14.74
CA TRP B 7 -2.73 20.93 -14.87
C TRP B 7 -3.63 20.74 -16.09
N LYS B 8 -3.40 19.68 -16.85
CA LYS B 8 -4.20 19.41 -18.06
C LYS B 8 -5.18 18.28 -17.84
N TYR B 9 -6.43 18.50 -18.20
CA TYR B 9 -7.48 17.51 -17.98
C TYR B 9 -7.60 16.50 -19.11
N PHE B 10 -7.76 15.23 -18.74
CA PHE B 10 -8.03 14.17 -19.69
C PHE B 10 -8.69 13.01 -18.97
N LYS B 11 -9.89 12.65 -19.41
CA LYS B 11 -10.64 11.48 -18.89
C LYS B 11 -10.61 11.25 -17.38
N GLY B 12 -11.06 12.26 -16.63
CA GLY B 12 -11.22 12.15 -15.20
C GLY B 12 -9.97 12.34 -14.38
N ASN B 13 -8.87 12.68 -15.04
CA ASN B 13 -7.60 12.92 -14.38
C ASN B 13 -7.00 14.25 -14.82
N PHE B 14 -6.20 14.84 -13.93
CA PHE B 14 -5.42 16.01 -14.29
C PHE B 14 -3.94 15.64 -14.36
N TYR B 15 -3.21 16.21 -15.33
CA TYR B 15 -1.80 15.89 -15.57
C TYR B 15 -0.91 17.13 -15.49
N TYR B 16 0.23 16.99 -14.83
CA TYR B 16 1.20 18.06 -14.77
C TYR B 16 2.44 17.67 -15.58
N PHE B 17 2.75 18.41 -16.65
CA PHE B 17 3.97 18.15 -17.42
C PHE B 17 5.04 19.13 -16.93
N SER B 18 6.11 18.60 -16.36
CA SER B 18 7.03 19.46 -15.61
C SER B 18 7.90 20.29 -16.52
N LEU B 19 8.37 21.41 -15.98
CA LEU B 19 9.27 22.32 -16.69
C LEU B 19 10.72 22.16 -16.25
N ILE B 20 10.92 21.41 -15.16
CA ILE B 20 12.22 21.21 -14.55
C ILE B 20 12.49 19.70 -14.46
N PRO B 21 13.70 19.27 -14.82
CA PRO B 21 14.01 17.84 -14.78
C PRO B 21 14.42 17.40 -13.37
N LYS B 22 14.07 16.17 -13.00
CA LYS B 22 14.47 15.59 -11.72
C LYS B 22 14.76 14.11 -11.92
N THR B 23 15.40 13.50 -10.93
CA THR B 23 15.56 12.05 -10.93
C THR B 23 14.17 11.45 -10.75
N TRP B 24 14.03 10.15 -11.01
CA TRP B 24 12.71 9.53 -10.95
C TRP B 24 12.11 9.73 -9.57
N TYR B 25 12.89 9.48 -8.52
CA TYR B 25 12.34 9.54 -7.17
C TYR B 25 12.07 10.97 -6.69
N SER B 26 12.97 11.90 -6.99
CA SER B 26 12.73 13.29 -6.66
C SER B 26 11.49 13.82 -7.40
N ALA B 27 11.27 13.33 -8.62
CA ALA B 27 10.05 13.67 -9.38
C ALA B 27 8.82 13.14 -8.68
N GLU B 28 8.85 11.85 -8.32
CA GLU B 28 7.75 11.23 -7.59
C GLU B 28 7.46 11.96 -6.30
N GLN B 29 8.51 12.34 -5.57
CA GLN B 29 8.32 13.14 -4.37
C GLN B 29 7.65 14.49 -4.62
N PHE B 30 8.01 15.12 -5.72
CA PHE B 30 7.36 16.36 -6.14
C PHE B 30 5.87 16.07 -6.39
N CYS B 31 5.56 15.02 -7.14
CA CYS B 31 4.16 14.71 -7.42
C CYS B 31 3.37 14.50 -6.14
N VAL B 32 3.94 13.71 -5.23
CA VAL B 32 3.27 13.42 -3.96
C VAL B 32 3.01 14.71 -3.17
N SER B 33 3.93 15.65 -3.23
CA SER B 33 3.75 16.94 -2.56
C SER B 33 2.59 17.73 -3.17
N ARG B 34 2.16 17.35 -4.37
CA ARG B 34 1.00 17.98 -5.02
C ARG B 34 -0.20 17.04 -5.08
N ASN B 35 -0.30 16.12 -4.12
CA ASN B 35 -1.41 15.17 -4.07
CA ASN B 35 -1.43 15.20 -4.07
C ASN B 35 -1.57 14.42 -5.38
N SER B 36 -0.46 13.96 -5.93
CA SER B 36 -0.48 13.19 -7.18
C SER B 36 0.62 12.12 -7.15
N HIS B 37 0.79 11.43 -8.28
CA HIS B 37 1.87 10.46 -8.46
C HIS B 37 2.41 10.60 -9.87
N LEU B 38 3.63 10.13 -10.14
CA LEU B 38 4.05 9.98 -11.53
C LEU B 38 3.00 9.12 -12.27
N THR B 39 2.69 9.51 -13.49
CA THR B 39 1.51 8.98 -14.16
C THR B 39 1.58 7.49 -14.56
N SER B 40 0.46 6.81 -14.38
CA SER B 40 0.27 5.48 -14.94
C SER B 40 -0.32 5.65 -16.33
N VAL B 41 -0.34 4.56 -17.10
CA VAL B 41 -0.93 4.55 -18.45
C VAL B 41 -1.76 3.29 -18.60
N THR B 42 -3.07 3.45 -18.83
CA THR B 42 -3.97 2.31 -18.79
C THR B 42 -4.84 2.14 -20.04
N SER B 43 -4.52 2.92 -21.08
CA SER B 43 -5.22 2.77 -22.34
C SER B 43 -4.41 3.37 -23.49
N GLU B 44 -4.76 2.97 -24.70
CA GLU B 44 -4.13 3.57 -25.87
C GLU B 44 -4.44 5.05 -25.92
N SER B 45 -5.68 5.41 -25.60
CA SER B 45 -6.11 6.81 -25.61
C SER B 45 -5.24 7.65 -24.68
N GLU B 46 -4.91 7.10 -23.51
CA GLU B 46 -4.11 7.81 -22.54
C GLU B 46 -2.67 7.90 -23.01
N GLN B 47 -2.17 6.80 -23.57
CA GLN B 47 -0.81 6.76 -24.12
C GLN B 47 -0.68 7.83 -25.21
N GLU B 48 -1.68 7.93 -26.06
CA GLU B 48 -1.69 8.93 -27.14
C GLU B 48 -1.67 10.35 -26.58
N PHE B 49 -2.54 10.62 -25.62
CA PHE B 49 -2.60 11.92 -24.95
C PHE B 49 -1.23 12.28 -24.39
N LEU B 50 -0.58 11.32 -23.74
CA LEU B 50 0.69 11.61 -23.09
C LEU B 50 1.84 11.86 -24.09
N TYR B 51 1.98 11.00 -25.09
CA TYR B 51 3.11 11.18 -26.00
C TYR B 51 2.93 12.42 -26.89
N LYS B 52 1.71 12.70 -27.30
CA LYS B 52 1.48 13.86 -28.14
C LYS B 52 1.75 15.11 -27.35
N THR B 53 1.24 15.16 -26.12
CA THR B 53 1.50 16.31 -25.26
C THR B 53 3.00 16.46 -24.92
N ALA B 54 3.70 15.34 -24.79
CA ALA B 54 5.16 15.36 -24.56
C ALA B 54 5.94 16.00 -25.70
N GLY B 55 5.39 15.91 -26.90
CA GLY B 55 5.96 16.61 -28.05
C GLY B 55 7.42 16.30 -28.37
N GLY B 56 7.81 15.05 -28.18
CA GLY B 56 9.13 14.60 -28.60
C GLY B 56 10.22 14.73 -27.56
N LEU B 57 9.86 15.24 -26.38
CA LEU B 57 10.79 15.29 -25.26
C LEU B 57 10.57 14.12 -24.29
N ILE B 58 11.59 13.81 -23.49
CA ILE B 58 11.53 12.64 -22.61
C ILE B 58 10.96 13.00 -21.23
N TYR B 59 9.95 12.26 -20.79
CA TYR B 59 9.33 12.49 -19.48
C TYR B 59 9.29 11.22 -18.65
N TRP B 60 9.82 11.26 -17.44
CA TRP B 60 9.57 10.19 -16.46
C TRP B 60 8.07 9.97 -16.28
N ILE B 61 7.67 8.69 -16.25
CA ILE B 61 6.31 8.34 -15.85
C ILE B 61 6.42 7.36 -14.67
N GLY B 62 5.29 6.87 -14.19
CA GLY B 62 5.25 6.09 -12.95
C GLY B 62 5.74 4.65 -13.02
N LEU B 63 6.45 4.31 -14.10
CA LEU B 63 6.99 2.97 -14.31
C LEU B 63 8.19 2.70 -13.40
N THR B 64 8.11 1.64 -12.59
CA THR B 64 9.27 1.28 -11.78
C THR B 64 9.21 -0.20 -11.40
N LYS B 65 10.37 -0.81 -11.16
CA LYS B 65 10.38 -2.23 -10.81
C LYS B 65 9.97 -2.47 -9.36
N ALA B 66 9.30 -3.59 -9.13
CA ALA B 66 8.82 -3.94 -7.78
C ALA B 66 8.98 -5.43 -7.57
N GLY B 67 9.15 -5.84 -6.32
CA GLY B 67 9.29 -7.24 -5.98
C GLY B 67 10.64 -7.84 -6.34
N MET B 68 10.84 -9.10 -5.95
CA MET B 68 12.13 -9.78 -6.17
C MET B 68 12.44 -10.01 -7.64
N GLU B 69 11.42 -10.39 -8.40
CA GLU B 69 11.61 -10.73 -9.81
C GLU B 69 11.74 -9.50 -10.70
N GLY B 70 11.53 -8.32 -10.12
CA GLY B 70 11.72 -7.08 -10.83
C GLY B 70 10.68 -6.83 -11.90
N ASP B 71 9.42 -7.18 -11.61
CA ASP B 71 8.35 -6.96 -12.56
C ASP B 71 8.04 -5.47 -12.60
N TRP B 72 7.66 -4.97 -13.77
CA TRP B 72 7.28 -3.56 -13.86
C TRP B 72 5.98 -3.29 -13.11
N SER B 73 5.86 -2.08 -12.55
CA SER B 73 4.72 -1.73 -11.74
C SER B 73 4.44 -0.24 -11.87
N TRP B 74 3.29 0.21 -11.38
CA TRP B 74 2.93 1.63 -11.38
C TRP B 74 3.06 2.18 -9.96
N VAL B 75 3.78 3.29 -9.81
CA VAL B 75 3.97 3.90 -8.47
C VAL B 75 2.63 4.36 -7.87
N ASP B 76 1.64 4.67 -8.70
CA ASP B 76 0.33 5.06 -8.16
C ASP B 76 -0.51 3.87 -7.70
N ASP B 77 0.08 2.68 -7.75
CA ASP B 77 -0.54 1.42 -7.34
C ASP B 77 -1.60 0.83 -8.28
N THR B 78 -1.78 1.47 -9.44
CA THR B 78 -2.54 0.81 -10.51
C THR B 78 -1.89 -0.53 -10.79
N PRO B 79 -2.68 -1.62 -10.78
CA PRO B 79 -2.13 -2.94 -11.13
C PRO B 79 -1.55 -2.90 -12.54
N PHE B 80 -0.35 -3.43 -12.72
CA PHE B 80 0.27 -3.38 -14.03
C PHE B 80 -0.26 -4.51 -14.90
N ASN B 81 -0.75 -4.19 -16.09
CA ASN B 81 -1.32 -5.19 -17.00
C ASN B 81 -0.29 -5.45 -18.08
N LYS B 82 0.46 -6.54 -17.94
CA LYS B 82 1.56 -6.81 -18.86
C LYS B 82 1.09 -7.12 -20.28
N VAL B 83 -0.03 -7.82 -20.39
CA VAL B 83 -0.57 -8.17 -21.70
C VAL B 83 -0.89 -6.91 -22.48
N GLN B 84 -1.62 -5.99 -21.84
CA GLN B 84 -2.10 -4.81 -22.54
C GLN B 84 -1.03 -3.73 -22.66
N SER B 85 0.05 -3.86 -21.90
CA SER B 85 1.10 -2.84 -21.89
C SER B 85 2.24 -3.17 -22.84
N ALA B 86 2.28 -4.39 -23.34
CA ALA B 86 3.34 -4.84 -24.24
C ALA B 86 3.51 -3.89 -25.44
N ARG B 87 2.40 -3.39 -25.96
CA ARG B 87 2.43 -2.56 -27.16
C ARG B 87 2.96 -1.15 -26.92
N PHE B 88 3.23 -0.80 -25.66
CA PHE B 88 3.61 0.57 -25.31
C PHE B 88 5.11 0.80 -25.17
N TRP B 89 5.89 -0.28 -25.21
CA TRP B 89 7.34 -0.15 -25.11
C TRP B 89 7.92 0.09 -26.49
N ILE B 90 8.97 0.89 -26.56
CA ILE B 90 9.80 0.98 -27.76
C ILE B 90 10.33 -0.43 -28.05
N PRO B 91 10.31 -0.84 -29.32
CA PRO B 91 10.88 -2.13 -29.70
C PRO B 91 12.29 -2.30 -29.14
N GLY B 92 12.55 -3.43 -28.50
CA GLY B 92 13.84 -3.67 -27.88
C GLY B 92 13.83 -3.38 -26.38
N GLU B 93 12.88 -2.55 -25.95
CA GLU B 93 12.76 -2.18 -24.54
C GLU B 93 11.68 -3.04 -23.88
N PRO B 94 11.80 -3.25 -22.55
CA PRO B 94 12.87 -2.77 -21.69
C PRO B 94 14.11 -3.63 -21.84
N ASN B 95 15.29 -3.01 -21.93
CA ASN B 95 16.51 -3.74 -22.24
C ASN B 95 17.52 -3.77 -21.09
N ASN B 96 17.17 -3.12 -19.98
CA ASN B 96 17.99 -3.12 -18.75
C ASN B 96 19.47 -2.91 -19.05
N ALA B 97 19.76 -1.89 -19.86
CA ALA B 97 21.12 -1.58 -20.25
C ALA B 97 22.00 -1.43 -19.03
N GLY B 98 23.12 -2.15 -19.02
CA GLY B 98 24.03 -2.09 -17.89
C GLY B 98 23.47 -2.73 -16.63
N ASN B 99 22.35 -3.44 -16.78
CA ASN B 99 21.65 -4.03 -15.64
C ASN B 99 21.31 -2.98 -14.60
N ASN B 100 21.06 -1.76 -15.05
CA ASN B 100 20.83 -0.66 -14.13
C ASN B 100 19.65 0.25 -14.50
N GLU B 101 18.70 -0.26 -15.26
CA GLU B 101 17.54 0.57 -15.66
C GLU B 101 16.22 0.10 -15.04
N HIS B 102 15.88 0.67 -13.89
CA HIS B 102 14.78 0.14 -13.08
C HIS B 102 13.58 1.10 -13.00
N CYS B 103 13.59 2.11 -13.85
CA CYS B 103 12.48 3.07 -13.93
C CYS B 103 12.19 3.32 -15.41
N GLY B 104 11.01 3.84 -15.71
CA GLY B 104 10.63 4.01 -17.10
C GLY B 104 10.16 5.42 -17.44
N ASN B 105 10.38 5.81 -18.69
CA ASN B 105 9.95 7.11 -19.19
C ASN B 105 9.27 7.02 -20.54
N ILE B 106 8.58 8.09 -20.91
CA ILE B 106 8.07 8.23 -22.26
C ILE B 106 9.18 8.89 -23.05
N LYS B 107 9.62 8.22 -24.11
CA LYS B 107 10.79 8.61 -24.86
C LYS B 107 10.45 9.00 -26.32
N ALA B 108 9.73 8.13 -27.01
CA ALA B 108 9.47 8.32 -28.43
C ALA B 108 8.03 8.76 -28.68
N PRO B 109 7.85 9.71 -29.60
CA PRO B 109 6.49 10.15 -29.96
C PRO B 109 5.77 9.14 -30.83
N SER B 110 5.33 8.05 -30.20
CA SER B 110 4.69 6.94 -30.86
C SER B 110 3.88 6.19 -29.79
N LEU B 111 2.92 5.37 -30.19
CA LEU B 111 2.28 4.49 -29.21
C LEU B 111 3.33 3.56 -28.59
N GLN B 112 4.34 3.20 -29.39
CA GLN B 112 5.52 2.53 -28.84
C GLN B 112 6.52 3.56 -28.32
N ALA B 113 6.34 3.93 -27.06
CA ALA B 113 6.97 5.13 -26.51
C ALA B 113 7.92 4.92 -25.33
N TRP B 114 7.72 3.85 -24.55
CA TRP B 114 8.44 3.73 -23.29
C TRP B 114 9.86 3.19 -23.39
N ASN B 115 10.71 3.69 -22.50
CA ASN B 115 12.05 3.15 -22.33
C ASN B 115 12.37 3.01 -20.85
N ASP B 116 13.07 1.94 -20.49
CA ASP B 116 13.66 1.86 -19.16
C ASP B 116 15.00 2.60 -19.13
N ALA B 117 15.20 3.38 -18.08
CA ALA B 117 16.40 4.19 -17.90
C ALA B 117 16.79 4.16 -16.43
N PRO B 118 18.06 4.48 -16.13
CA PRO B 118 18.52 4.52 -14.73
C PRO B 118 17.72 5.52 -13.91
N CYS B 119 17.28 5.11 -12.73
CA CYS B 119 16.41 5.93 -11.90
C CYS B 119 17.06 7.26 -11.52
N ASP B 120 18.39 7.27 -11.50
CA ASP B 120 19.16 8.46 -11.14
C ASP B 120 19.40 9.48 -12.27
N LYS B 121 18.97 9.17 -13.50
CA LYS B 121 19.06 10.16 -14.59
C LYS B 121 17.98 11.23 -14.39
N THR B 122 18.28 12.46 -14.79
CA THR B 122 17.30 13.54 -14.68
C THR B 122 16.54 13.79 -15.97
N PHE B 123 15.20 13.78 -15.90
CA PHE B 123 14.36 14.12 -17.04
C PHE B 123 13.19 14.94 -16.54
N LEU B 124 12.53 15.66 -17.46
CA LEU B 124 11.18 16.15 -17.17
C LEU B 124 10.27 15.00 -16.72
N PHE B 125 9.12 15.33 -16.14
CA PHE B 125 8.27 14.28 -15.58
C PHE B 125 6.78 14.66 -15.64
N ILE B 126 5.91 13.67 -15.51
CA ILE B 126 4.47 13.87 -15.64
C ILE B 126 3.75 13.31 -14.41
N CYS B 127 3.06 14.20 -13.69
CA CYS B 127 2.25 13.82 -12.53
C CYS B 127 0.81 13.62 -12.98
N LYS B 128 0.10 12.77 -12.28
CA LYS B 128 -1.30 12.49 -12.59
C LYS B 128 -2.08 12.50 -11.29
N ARG B 129 -3.21 13.19 -11.27
CA ARG B 129 -4.10 13.06 -10.12
C ARG B 129 -5.56 13.04 -10.55
N PRO B 130 -6.35 12.17 -9.92
CA PRO B 130 -7.75 12.03 -10.31
C PRO B 130 -8.53 13.28 -9.93
N TYR B 131 -9.50 13.61 -10.76
CA TYR B 131 -10.47 14.61 -10.37
C TYR B 131 -11.35 14.00 -9.29
N VAL B 132 -11.41 14.67 -8.15
CA VAL B 132 -12.25 14.21 -7.05
C VAL B 132 -13.23 15.33 -6.73
N PRO B 133 -14.52 15.12 -7.05
CA PRO B 133 -15.54 16.14 -6.81
C PRO B 133 -15.85 16.29 -5.32
N SER C 4 -7.32 -24.32 -9.98
CA SER C 4 -8.77 -24.22 -10.02
C SER C 4 -9.26 -23.98 -11.45
N GLN C 5 -10.33 -24.67 -11.82
CA GLN C 5 -11.10 -24.29 -13.00
C GLN C 5 -11.90 -23.07 -12.59
N GLY C 6 -12.62 -22.47 -13.54
CA GLY C 6 -13.55 -21.42 -13.18
C GLY C 6 -12.97 -20.03 -13.39
N TRP C 7 -11.74 -19.95 -13.85
CA TRP C 7 -11.13 -18.66 -14.21
C TRP C 7 -11.33 -18.33 -15.69
N LYS C 8 -12.03 -17.22 -15.95
CA LYS C 8 -12.37 -16.78 -17.31
C LYS C 8 -11.46 -15.65 -17.75
N TYR C 9 -10.92 -15.77 -18.97
CA TYR C 9 -9.96 -14.79 -19.47
C TYR C 9 -10.62 -13.64 -20.19
N PHE C 10 -10.17 -12.43 -19.88
CA PHE C 10 -10.62 -11.23 -20.56
C PHE C 10 -9.54 -10.16 -20.49
N LYS C 11 -8.96 -9.85 -21.65
CA LYS C 11 -8.02 -8.73 -21.81
C LYS C 11 -6.92 -8.63 -20.76
N GLY C 12 -6.07 -9.64 -20.67
CA GLY C 12 -4.92 -9.59 -19.79
C GLY C 12 -5.20 -10.01 -18.36
N ASN C 13 -6.46 -10.28 -18.05
CA ASN C 13 -6.84 -10.71 -16.70
C ASN C 13 -7.73 -11.97 -16.69
N PHE C 14 -7.67 -12.71 -15.59
CA PHE C 14 -8.58 -13.82 -15.35
C PHE C 14 -9.59 -13.43 -14.28
N TYR C 15 -10.83 -13.87 -14.44
CA TYR C 15 -11.91 -13.54 -13.51
C TYR C 15 -12.56 -14.79 -12.98
N TYR C 16 -12.83 -14.80 -11.67
CA TYR C 16 -13.45 -15.94 -11.00
C TYR C 16 -14.81 -15.54 -10.46
N PHE C 17 -15.87 -16.15 -10.96
CA PHE C 17 -17.22 -15.86 -10.47
C PHE C 17 -17.55 -16.94 -9.45
N SER C 18 -17.69 -16.56 -8.18
CA SER C 18 -17.72 -17.57 -7.12
C SER C 18 -19.02 -18.38 -7.11
N LEU C 19 -18.95 -19.58 -6.54
CA LEU C 19 -20.13 -20.44 -6.35
C LEU C 19 -20.76 -20.31 -4.96
N ILE C 20 -19.98 -19.83 -4.00
CA ILE C 20 -20.41 -19.69 -2.61
C ILE C 20 -20.46 -18.21 -2.21
N PRO C 21 -21.53 -17.78 -1.53
CA PRO C 21 -21.61 -16.36 -1.15
C PRO C 21 -20.84 -16.07 0.13
N LYS C 22 -20.30 -14.85 0.23
CA LYS C 22 -19.54 -14.42 1.40
C LYS C 22 -19.80 -12.94 1.63
N THR C 23 -19.43 -12.46 2.81
CA THR C 23 -19.48 -11.01 3.06
C THR C 23 -18.42 -10.38 2.17
N TRP C 24 -18.43 -9.06 2.05
CA TRP C 24 -17.48 -8.37 1.18
C TRP C 24 -16.05 -8.71 1.58
N TYR C 25 -15.75 -8.59 2.86
CA TYR C 25 -14.38 -8.81 3.30
C TYR C 25 -13.98 -10.27 3.25
N SER C 26 -14.90 -11.17 3.62
CA SER C 26 -14.61 -12.59 3.49
C SER C 26 -14.35 -12.97 2.04
N ALA C 27 -15.10 -12.36 1.13
CA ALA C 27 -14.87 -12.52 -0.31
C ALA C 27 -13.47 -12.04 -0.68
N GLU C 28 -13.09 -10.88 -0.18
CA GLU C 28 -11.75 -10.36 -0.48
C GLU C 28 -10.68 -11.31 0.04
N GLN C 29 -10.89 -11.85 1.23
CA GLN C 29 -9.94 -12.80 1.82
C GLN C 29 -9.78 -14.05 0.96
N PHE C 30 -10.89 -14.50 0.40
CA PHE C 30 -10.86 -15.65 -0.49
C PHE C 30 -10.04 -15.33 -1.74
N CYS C 31 -10.31 -14.17 -2.35
CA CYS C 31 -9.54 -13.77 -3.53
C CYS C 31 -8.05 -13.73 -3.23
N VAL C 32 -7.71 -13.11 -2.11
CA VAL C 32 -6.31 -12.99 -1.69
C VAL C 32 -5.65 -14.38 -1.58
N SER C 33 -6.37 -15.33 -0.99
CA SER C 33 -5.91 -16.73 -0.89
C SER C 33 -5.70 -17.40 -2.26
N ARG C 34 -6.27 -16.80 -3.31
CA ARG C 34 -6.11 -17.32 -4.66
CA ARG C 34 -6.12 -17.31 -4.67
C ARG C 34 -5.31 -16.34 -5.51
N ASN C 35 -4.41 -15.60 -4.87
CA ASN C 35 -3.52 -14.67 -5.56
C ASN C 35 -4.28 -13.65 -6.40
N SER C 36 -5.36 -13.12 -5.85
CA SER C 36 -6.19 -12.18 -6.59
C SER C 36 -6.81 -11.14 -5.66
N HIS C 37 -7.68 -10.30 -6.21
CA HIS C 37 -8.44 -9.33 -5.45
C HIS C 37 -9.85 -9.27 -5.99
N LEU C 38 -10.81 -8.81 -5.17
CA LEU C 38 -12.12 -8.47 -5.73
C LEU C 38 -11.92 -7.52 -6.91
N THR C 39 -12.66 -7.74 -7.98
CA THR C 39 -12.36 -7.07 -9.24
C THR C 39 -12.61 -5.57 -9.20
N SER C 40 -11.71 -4.82 -9.84
CA SER C 40 -11.95 -3.43 -10.17
C SER C 40 -12.60 -3.39 -11.54
N VAL C 41 -13.16 -2.24 -11.90
CA VAL C 41 -13.75 -2.08 -13.21
C VAL C 41 -13.29 -0.74 -13.73
N THR C 42 -12.55 -0.77 -14.82
CA THR C 42 -11.89 0.44 -15.32
C THR C 42 -12.19 0.74 -16.79
N SER C 43 -13.19 0.09 -17.37
CA SER C 43 -13.64 0.38 -18.74
C SER C 43 -15.06 -0.13 -18.96
N GLU C 44 -15.74 0.46 -19.93
CA GLU C 44 -17.09 0.04 -20.26
C GLU C 44 -17.07 -1.39 -20.77
N SER C 45 -16.01 -1.72 -21.49
CA SER C 45 -15.80 -3.06 -21.99
C SER C 45 -15.69 -4.08 -20.84
N GLU C 46 -14.92 -3.72 -19.81
CA GLU C 46 -14.81 -4.62 -18.66
C GLU C 46 -16.14 -4.74 -17.90
N GLN C 47 -16.82 -3.62 -17.71
CA GLN C 47 -18.14 -3.61 -17.07
C GLN C 47 -19.13 -4.49 -17.83
N GLU C 48 -19.08 -4.45 -19.16
CA GLU C 48 -19.97 -5.27 -19.98
C GLU C 48 -19.66 -6.75 -19.84
N PHE C 49 -18.38 -7.11 -19.83
CA PHE C 49 -17.97 -8.49 -19.61
C PHE C 49 -18.50 -9.01 -18.28
N LEU C 50 -18.36 -8.20 -17.24
CA LEU C 50 -18.77 -8.62 -15.90
C LEU C 50 -20.28 -8.82 -15.72
N TYR C 51 -21.08 -7.85 -16.12
CA TYR C 51 -22.51 -7.95 -15.85
C TYR C 51 -23.19 -9.02 -16.72
N LYS C 52 -22.66 -9.24 -17.91
CA LYS C 52 -23.19 -10.29 -18.77
C LYS C 52 -22.88 -11.66 -18.20
N THR C 53 -21.61 -11.87 -17.84
CA THR C 53 -21.20 -13.15 -17.27
C THR C 53 -21.96 -13.38 -15.96
N ALA C 54 -22.33 -12.31 -15.29
CA ALA C 54 -22.99 -12.41 -14.00
C ALA C 54 -24.38 -13.05 -14.13
N GLY C 55 -25.03 -12.80 -15.26
CA GLY C 55 -26.29 -13.45 -15.56
C GLY C 55 -27.39 -13.29 -14.53
N GLY C 56 -27.64 -12.04 -14.14
CA GLY C 56 -28.71 -11.72 -13.22
C GLY C 56 -28.48 -12.08 -11.77
N LEU C 57 -27.34 -12.69 -11.47
CA LEU C 57 -26.98 -12.96 -10.08
C LEU C 57 -26.17 -11.78 -9.52
N ILE C 58 -26.19 -11.59 -8.21
CA ILE C 58 -25.47 -10.47 -7.62
C ILE C 58 -24.08 -10.88 -7.16
N TYR C 59 -23.06 -10.09 -7.55
CA TYR C 59 -21.69 -10.40 -7.18
C TYR C 59 -21.00 -9.20 -6.55
N TRP C 60 -20.41 -9.36 -5.37
CA TRP C 60 -19.52 -8.35 -4.81
C TRP C 60 -18.39 -8.08 -5.80
N ILE C 61 -18.02 -6.80 -5.95
CA ILE C 61 -16.78 -6.43 -6.62
C ILE C 61 -15.92 -5.62 -5.64
N GLY C 62 -14.79 -5.08 -6.11
CA GLY C 62 -13.83 -4.48 -5.20
C GLY C 62 -14.13 -3.07 -4.71
N LEU C 63 -15.36 -2.62 -4.96
CA LEU C 63 -15.85 -1.31 -4.53
C LEU C 63 -16.06 -1.15 -3.04
N THR C 64 -15.43 -0.15 -2.43
CA THR C 64 -15.62 0.07 -1.01
C THR C 64 -15.23 1.49 -0.62
N LYS C 65 -15.90 2.02 0.40
CA LYS C 65 -15.57 3.34 0.89
C LYS C 65 -14.26 3.31 1.66
N ALA C 66 -13.47 4.37 1.53
CA ALA C 66 -12.26 4.53 2.31
C ALA C 66 -11.95 6.03 2.48
N GLY C 67 -11.38 6.40 3.61
CA GLY C 67 -11.06 7.79 3.89
C GLY C 67 -12.13 8.50 4.69
N MET C 68 -11.85 9.74 5.08
CA MET C 68 -12.75 10.49 5.95
C MET C 68 -13.98 11.05 5.22
N GLU C 69 -13.92 11.08 3.89
CA GLU C 69 -15.04 11.60 3.12
C GLU C 69 -15.94 10.45 2.70
N GLY C 70 -15.47 9.23 2.93
CA GLY C 70 -16.20 8.04 2.53
C GLY C 70 -16.23 7.90 1.03
N ASP C 71 -15.16 8.33 0.36
CA ASP C 71 -15.09 8.22 -1.10
C ASP C 71 -14.94 6.75 -1.49
N TRP C 72 -15.54 6.38 -2.61
CA TRP C 72 -15.38 5.03 -3.14
C TRP C 72 -13.95 4.77 -3.60
N SER C 73 -13.51 3.53 -3.41
CA SER C 73 -12.16 3.13 -3.78
C SER C 73 -12.23 1.69 -4.28
N TRP C 74 -11.12 1.21 -4.84
CA TRP C 74 -10.98 -0.17 -5.29
C TRP C 74 -10.04 -0.90 -4.34
N VAL C 75 -10.44 -2.05 -3.82
CA VAL C 75 -9.58 -2.81 -2.90
C VAL C 75 -8.25 -3.22 -3.54
N ASP C 76 -8.21 -3.38 -4.85
CA ASP C 76 -6.95 -3.74 -5.51
C ASP C 76 -6.00 -2.56 -5.72
N ASP C 77 -6.38 -1.40 -5.18
CA ASP C 77 -5.57 -0.16 -5.20
C ASP C 77 -5.55 0.61 -6.52
N THR C 78 -6.26 0.15 -7.54
CA THR C 78 -6.54 1.00 -8.69
C THR C 78 -7.12 2.34 -8.20
N PRO C 79 -6.55 3.45 -8.64
CA PRO C 79 -7.11 4.76 -8.31
C PRO C 79 -8.56 4.85 -8.80
N PHE C 80 -9.45 5.32 -7.94
CA PHE C 80 -10.85 5.41 -8.33
C PHE C 80 -11.09 6.64 -9.19
N ASN C 81 -11.76 6.43 -10.32
CA ASN C 81 -12.04 7.52 -11.25
C ASN C 81 -13.53 7.80 -11.22
N LYS C 82 -13.94 8.76 -10.39
CA LYS C 82 -15.36 9.06 -10.19
C LYS C 82 -16.06 9.47 -11.50
N VAL C 83 -15.40 10.30 -12.28
CA VAL C 83 -15.89 10.72 -13.59
C VAL C 83 -16.21 9.54 -14.49
N GLN C 84 -15.23 8.65 -14.66
CA GLN C 84 -15.39 7.55 -15.59
C GLN C 84 -16.30 6.44 -15.06
N SER C 85 -16.55 6.46 -13.75
CA SER C 85 -17.33 5.41 -13.08
C SER C 85 -18.80 5.77 -12.87
N ALA C 86 -19.13 7.05 -13.05
CA ALA C 86 -20.49 7.54 -12.80
C ALA C 86 -21.56 6.76 -13.58
N ARG C 87 -21.21 6.33 -14.79
CA ARG C 87 -22.15 5.66 -15.67
C ARG C 87 -22.44 4.21 -15.26
N PHE C 88 -21.74 3.71 -14.26
CA PHE C 88 -21.83 2.28 -13.91
C PHE C 88 -22.77 1.96 -12.74
N TRP C 89 -23.26 2.98 -12.03
CA TRP C 89 -24.20 2.76 -10.93
C TRP C 89 -25.60 2.60 -11.48
N ILE C 90 -26.41 1.77 -10.84
CA ILE C 90 -27.86 1.71 -11.08
C ILE C 90 -28.42 3.11 -10.77
N PRO C 91 -29.38 3.60 -11.58
CA PRO C 91 -29.98 4.90 -11.32
C PRO C 91 -30.50 5.03 -9.88
N GLY C 92 -30.07 6.07 -9.18
CA GLY C 92 -30.45 6.26 -7.80
C GLY C 92 -29.44 5.70 -6.82
N GLU C 93 -28.46 4.96 -7.33
CA GLU C 93 -27.39 4.43 -6.49
C GLU C 93 -26.12 5.25 -6.72
N PRO C 94 -25.22 5.29 -5.72
CA PRO C 94 -25.33 4.72 -4.38
C PRO C 94 -26.28 5.52 -3.51
N ASN C 95 -27.07 4.86 -2.68
CA ASN C 95 -28.08 5.57 -1.90
C ASN C 95 -27.84 5.50 -0.39
N ASN C 96 -26.80 4.79 0.01
CA ASN C 96 -26.44 4.62 1.43
C ASN C 96 -27.65 4.27 2.32
N ALA C 97 -28.38 3.23 1.96
CA ALA C 97 -29.55 2.80 2.73
C ALA C 97 -29.22 2.53 4.20
N GLY C 98 -30.02 3.13 5.09
CA GLY C 98 -29.84 2.97 6.52
C GLY C 98 -28.50 3.49 6.99
N ASN C 99 -27.91 4.40 6.22
CA ASN C 99 -26.57 4.92 6.51
C ASN C 99 -25.52 3.82 6.69
N ASN C 100 -25.67 2.70 5.98
CA ASN C 100 -24.88 1.52 6.27
C ASN C 100 -24.43 0.74 5.02
N GLU C 101 -24.37 1.39 3.87
CA GLU C 101 -24.00 0.70 2.64
C GLU C 101 -22.66 1.19 2.09
N HIS C 102 -21.60 0.53 2.52
CA HIS C 102 -20.25 1.02 2.32
C HIS C 102 -19.41 0.11 1.43
N CYS C 103 -20.06 -0.84 0.76
CA CYS C 103 -19.40 -1.71 -0.21
C CYS C 103 -20.29 -1.81 -1.45
N GLY C 104 -19.70 -2.18 -2.59
CA GLY C 104 -20.46 -2.21 -3.83
C GLY C 104 -20.49 -3.56 -4.53
N ASN C 105 -21.60 -3.83 -5.20
CA ASN C 105 -21.74 -5.05 -5.97
C ASN C 105 -22.32 -4.81 -7.36
N ILE C 106 -22.16 -5.79 -8.24
CA ILE C 106 -22.85 -5.78 -9.51
C ILE C 106 -24.20 -6.42 -9.25
N LYS C 107 -25.27 -5.67 -9.50
CA LYS C 107 -26.61 -6.14 -9.22
C LYS C 107 -27.45 -6.28 -10.48
N ALA C 108 -27.54 -5.22 -11.28
CA ALA C 108 -28.44 -5.23 -12.43
C ALA C 108 -27.76 -5.81 -13.67
N PRO C 109 -28.56 -6.44 -14.56
CA PRO C 109 -28.04 -6.91 -15.85
C PRO C 109 -27.96 -5.77 -16.88
N SER C 110 -27.27 -4.69 -16.52
CA SER C 110 -27.13 -3.52 -17.37
C SER C 110 -25.76 -2.90 -17.13
N LEU C 111 -25.33 -1.99 -17.99
CA LEU C 111 -24.10 -1.25 -17.74
C LEU C 111 -24.24 -0.45 -16.45
N GLN C 112 -25.45 0.05 -16.21
CA GLN C 112 -25.74 0.66 -14.92
C GLN C 112 -26.09 -0.44 -13.93
N ALA C 113 -25.04 -1.08 -13.40
CA ALA C 113 -25.19 -2.34 -12.68
C ALA C 113 -24.94 -2.25 -11.19
N TRP C 114 -24.17 -1.24 -10.77
CA TRP C 114 -23.66 -1.22 -9.38
C TRP C 114 -24.67 -0.77 -8.34
N ASN C 115 -24.69 -1.46 -7.20
CA ASN C 115 -25.44 -1.03 -6.04
C ASN C 115 -24.53 -1.00 -4.82
N ASP C 116 -24.70 -0.03 -3.93
CA ASP C 116 -24.04 -0.08 -2.64
C ASP C 116 -24.91 -0.88 -1.68
N ALA C 117 -24.27 -1.72 -0.88
CA ALA C 117 -25.00 -2.58 0.06
C ALA C 117 -24.13 -2.76 1.30
N PRO C 118 -24.72 -3.22 2.42
CA PRO C 118 -23.89 -3.37 3.62
C PRO C 118 -22.79 -4.42 3.43
N CYS C 119 -21.58 -4.09 3.87
CA CYS C 119 -20.42 -4.96 3.67
C CYS C 119 -20.59 -6.32 4.31
N ASP C 120 -21.40 -6.38 5.38
CA ASP C 120 -21.58 -7.61 6.14
C ASP C 120 -22.71 -8.52 5.60
N LYS C 121 -23.28 -8.15 4.46
CA LYS C 121 -24.22 -9.01 3.74
C LYS C 121 -23.48 -10.01 2.85
N THR C 122 -24.05 -11.20 2.68
CA THR C 122 -23.39 -12.24 1.89
C THR C 122 -23.92 -12.28 0.45
N PHE C 123 -22.99 -12.30 -0.51
CA PHE C 123 -23.33 -12.43 -1.92
C PHE C 123 -22.21 -13.24 -2.55
N LEU C 124 -22.46 -13.75 -3.75
CA LEU C 124 -21.40 -14.29 -4.57
C LEU C 124 -20.44 -13.14 -4.86
N PHE C 125 -19.30 -13.43 -5.46
CA PHE C 125 -18.28 -12.40 -5.65
C PHE C 125 -17.40 -12.73 -6.85
N ILE C 126 -16.67 -11.72 -7.34
CA ILE C 126 -15.80 -11.89 -8.50
C ILE C 126 -14.37 -11.46 -8.18
N CYS C 127 -13.44 -12.39 -8.33
CA CYS C 127 -12.01 -12.12 -8.19
C CYS C 127 -11.37 -11.82 -9.54
N LYS C 128 -10.32 -11.01 -9.53
CA LYS C 128 -9.59 -10.65 -10.73
C LYS C 128 -8.11 -10.88 -10.47
N ARG C 129 -7.47 -11.53 -11.43
CA ARG C 129 -6.07 -11.95 -11.33
CA ARG C 129 -6.06 -11.89 -11.33
C ARG C 129 -5.36 -11.62 -12.67
N PRO C 130 -4.26 -10.87 -12.62
CA PRO C 130 -3.61 -10.59 -13.92
C PRO C 130 -2.91 -11.82 -14.50
N TYR C 131 -2.90 -11.94 -15.83
CA TYR C 131 -2.06 -12.94 -16.48
C TYR C 131 -0.65 -12.36 -16.58
N VAL C 132 0.36 -13.14 -16.23
CA VAL C 132 1.73 -12.62 -16.16
C VAL C 132 2.75 -13.27 -17.10
N GLN D 5 24.16 -12.94 0.57
CA GLN D 5 24.81 -13.13 1.87
C GLN D 5 25.23 -11.81 2.51
N GLY D 6 25.75 -11.88 3.73
CA GLY D 6 26.17 -10.70 4.46
C GLY D 6 25.12 -10.22 5.44
N TRP D 7 24.04 -10.97 5.57
CA TRP D 7 22.94 -10.55 6.43
C TRP D 7 23.24 -10.78 7.92
N LYS D 8 22.97 -9.79 8.76
CA LYS D 8 23.18 -9.89 10.19
C LYS D 8 21.85 -9.95 10.94
N TYR D 9 21.74 -10.88 11.88
CA TYR D 9 20.48 -11.11 12.60
C TYR D 9 20.34 -10.20 13.82
N PHE D 10 19.14 -9.66 13.98
CA PHE D 10 18.79 -8.93 15.20
C PHE D 10 17.27 -8.98 15.42
N LYS D 11 16.84 -9.59 16.53
CA LYS D 11 15.43 -9.65 16.93
C LYS D 11 14.42 -9.98 15.83
N GLY D 12 14.62 -11.09 15.12
CA GLY D 12 13.61 -11.57 14.20
C GLY D 12 13.70 -10.92 12.83
N ASN D 13 14.76 -10.14 12.63
CA ASN D 13 15.01 -9.53 11.32
C ASN D 13 16.46 -9.74 10.88
N PHE D 14 16.69 -9.70 9.57
CA PHE D 14 18.04 -9.69 9.03
C PHE D 14 18.35 -8.33 8.43
N TYR D 15 19.57 -7.88 8.61
CA TYR D 15 20.00 -6.58 8.12
C TYR D 15 21.23 -6.70 7.22
N TYR D 16 21.22 -5.94 6.13
CA TYR D 16 22.29 -5.94 5.16
C TYR D 16 22.93 -4.57 5.17
N PHE D 17 24.20 -4.50 5.54
CA PHE D 17 24.91 -3.22 5.51
C PHE D 17 25.75 -3.16 4.25
N SER D 18 25.38 -2.30 3.31
CA SER D 18 26.04 -2.29 2.01
C SER D 18 27.49 -1.83 2.04
N LEU D 19 28.24 -2.27 1.05
CA LEU D 19 29.64 -1.87 0.82
C LEU D 19 29.71 -0.87 -0.34
N ILE D 20 28.60 -0.73 -1.07
CA ILE D 20 28.52 0.11 -2.27
C ILE D 20 27.52 1.23 -2.02
N PRO D 21 27.92 2.49 -2.30
CA PRO D 21 26.99 3.61 -2.08
C PRO D 21 26.02 3.80 -3.25
N LYS D 22 24.79 4.20 -2.94
CA LYS D 22 23.77 4.45 -3.95
C LYS D 22 22.95 5.65 -3.50
N THR D 23 22.18 6.24 -4.41
CA THR D 23 21.18 7.23 -4.02
C THR D 23 20.14 6.51 -3.18
N TRP D 24 19.29 7.25 -2.49
CA TRP D 24 18.25 6.67 -1.63
C TRP D 24 17.34 5.71 -2.39
N TYR D 25 16.84 6.13 -3.55
CA TYR D 25 15.90 5.28 -4.28
C TYR D 25 16.58 4.06 -4.89
N SER D 26 17.77 4.25 -5.47
CA SER D 26 18.49 3.12 -6.02
C SER D 26 18.87 2.12 -4.93
N ALA D 27 19.14 2.63 -3.73
CA ALA D 27 19.31 1.78 -2.55
C ALA D 27 18.06 0.96 -2.30
N GLU D 28 16.91 1.62 -2.25
CA GLU D 28 15.65 0.92 -1.99
C GLU D 28 15.40 -0.14 -3.05
N GLN D 29 15.66 0.21 -4.31
CA GLN D 29 15.52 -0.76 -5.40
C GLN D 29 16.43 -1.97 -5.20
N PHE D 30 17.66 -1.72 -4.80
CA PHE D 30 18.57 -2.81 -4.44
C PHE D 30 17.96 -3.69 -3.35
N CYS D 31 17.46 -3.08 -2.29
CA CYS D 31 16.88 -3.85 -1.20
C CYS D 31 15.68 -4.68 -1.68
N VAL D 32 14.84 -4.07 -2.51
CA VAL D 32 13.66 -4.75 -3.06
C VAL D 32 14.08 -5.97 -3.87
N SER D 33 15.14 -5.82 -4.67
CA SER D 33 15.64 -6.92 -5.48
C SER D 33 16.15 -8.06 -4.59
N ARG D 34 16.49 -7.73 -3.34
CA ARG D 34 16.86 -8.74 -2.37
C ARG D 34 15.74 -9.04 -1.38
N ASN D 35 14.49 -8.87 -1.81
CA ASN D 35 13.34 -9.20 -0.99
C ASN D 35 13.36 -8.45 0.35
N SER D 36 13.73 -7.18 0.33
CA SER D 36 13.82 -6.42 1.56
C SER D 36 13.45 -4.97 1.29
N HIS D 37 13.62 -4.14 2.32
CA HIS D 37 13.40 -2.70 2.17
C HIS D 37 14.50 -1.98 2.96
N LEU D 38 14.80 -0.73 2.60
CA LEU D 38 15.62 0.09 3.47
C LEU D 38 14.99 0.04 4.86
N THR D 39 15.84 -0.05 5.88
CA THR D 39 15.37 -0.35 7.22
C THR D 39 14.53 0.76 7.88
N SER D 40 13.47 0.34 8.57
CA SER D 40 12.81 1.22 9.53
C SER D 40 13.51 1.10 10.88
N VAL D 41 13.21 2.03 11.78
CA VAL D 41 13.76 1.98 13.12
C VAL D 41 12.65 2.33 14.09
N THR D 42 12.24 1.37 14.91
CA THR D 42 11.07 1.55 15.76
C THR D 42 11.28 1.21 17.23
N SER D 43 12.53 1.13 17.65
CA SER D 43 12.84 0.97 19.07
C SER D 43 14.27 1.42 19.37
N GLU D 44 14.52 1.72 20.63
CA GLU D 44 15.85 2.11 21.06
C GLU D 44 16.88 1.02 20.77
N SER D 45 16.52 -0.25 21.00
CA SER D 45 17.47 -1.33 20.80
C SER D 45 17.82 -1.56 19.32
N GLU D 46 16.83 -1.44 18.44
CA GLU D 46 17.13 -1.48 17.01
C GLU D 46 18.05 -0.31 16.59
N GLN D 47 17.73 0.90 17.04
CA GLN D 47 18.58 2.06 16.76
C GLN D 47 20.03 1.81 17.20
N GLU D 48 20.17 1.33 18.43
CA GLU D 48 21.46 0.96 19.00
C GLU D 48 22.21 -0.08 18.17
N PHE D 49 21.53 -1.17 17.82
CA PHE D 49 22.13 -2.19 16.97
C PHE D 49 22.64 -1.60 15.67
N LEU D 50 21.81 -0.74 15.08
CA LEU D 50 22.17 -0.17 13.78
C LEU D 50 23.34 0.81 13.87
N TYR D 51 23.30 1.72 14.83
CA TYR D 51 24.37 2.72 14.89
C TYR D 51 25.69 2.06 15.33
N LYS D 52 25.59 1.10 16.24
CA LYS D 52 26.80 0.42 16.68
C LYS D 52 27.40 -0.32 15.51
N THR D 53 26.58 -1.06 14.77
CA THR D 53 27.08 -1.80 13.64
C THR D 53 27.61 -0.86 12.55
N ALA D 54 26.99 0.31 12.40
CA ALA D 54 27.39 1.28 11.39
C ALA D 54 28.82 1.75 11.57
N GLY D 55 29.27 1.76 12.82
CA GLY D 55 30.63 2.14 13.18
C GLY D 55 31.11 3.44 12.56
N GLY D 56 30.28 4.48 12.64
CA GLY D 56 30.67 5.81 12.17
C GLY D 56 30.58 6.03 10.66
N LEU D 57 30.15 5.02 9.92
CA LEU D 57 29.89 5.23 8.51
C LEU D 57 28.43 5.69 8.34
N ILE D 58 28.16 6.41 7.26
CA ILE D 58 26.80 6.92 7.02
C ILE D 58 26.01 5.95 6.16
N TYR D 59 24.83 5.54 6.63
CA TYR D 59 24.00 4.63 5.86
C TYR D 59 22.59 5.17 5.67
N TRP D 60 22.11 5.18 4.42
CA TRP D 60 20.70 5.44 4.15
C TRP D 60 19.86 4.46 4.94
N ILE D 61 18.78 4.94 5.53
CA ILE D 61 17.74 4.05 6.06
C ILE D 61 16.42 4.41 5.39
N GLY D 62 15.32 3.82 5.86
CA GLY D 62 14.05 3.90 5.15
C GLY D 62 13.30 5.22 5.31
N LEU D 63 13.95 6.21 5.89
CA LEU D 63 13.32 7.52 6.15
C LEU D 63 13.17 8.36 4.90
N THR D 64 11.95 8.84 4.64
CA THR D 64 11.75 9.72 3.49
C THR D 64 10.48 10.54 3.70
N LYS D 65 10.45 11.73 3.12
CA LYS D 65 9.24 12.54 3.15
C LYS D 65 8.21 12.00 2.16
N ALA D 66 6.95 12.01 2.59
CA ALA D 66 5.81 11.71 1.74
C ALA D 66 4.60 12.54 2.18
N GLY D 67 3.83 13.02 1.21
CA GLY D 67 2.60 13.74 1.48
C GLY D 67 2.71 15.25 1.30
N MET D 68 1.56 15.92 1.34
CA MET D 68 1.48 17.37 1.16
C MET D 68 2.25 18.15 2.22
N GLU D 69 2.37 17.59 3.42
CA GLU D 69 3.01 18.33 4.50
C GLU D 69 4.49 17.99 4.59
N GLY D 70 4.92 16.99 3.82
CA GLY D 70 6.30 16.57 3.82
C GLY D 70 6.64 15.92 5.14
N ASP D 71 5.68 15.22 5.73
CA ASP D 71 5.92 14.49 6.96
C ASP D 71 6.83 13.29 6.68
N TRP D 72 7.68 12.99 7.64
CA TRP D 72 8.57 11.84 7.52
C TRP D 72 7.78 10.54 7.54
N SER D 73 8.27 9.55 6.79
CA SER D 73 7.61 8.26 6.66
C SER D 73 8.66 7.17 6.52
N TRP D 74 8.22 5.93 6.62
CA TRP D 74 9.08 4.77 6.40
C TRP D 74 8.72 4.12 5.07
N VAL D 75 9.73 3.83 4.25
CA VAL D 75 9.45 3.23 2.95
C VAL D 75 8.89 1.81 3.06
N ASP D 76 9.16 1.11 4.15
CA ASP D 76 8.56 -0.23 4.33
C ASP D 76 7.10 -0.17 4.82
N ASP D 77 6.57 1.05 4.91
CA ASP D 77 5.18 1.36 5.26
C ASP D 77 4.81 1.28 6.74
N THR D 78 5.80 1.03 7.59
CA THR D 78 5.61 1.21 9.03
C THR D 78 5.11 2.62 9.29
N PRO D 79 3.97 2.76 9.99
CA PRO D 79 3.49 4.11 10.33
C PRO D 79 4.57 4.86 11.13
N PHE D 80 4.79 6.13 10.79
CA PHE D 80 5.87 6.88 11.41
C PHE D 80 5.39 7.46 12.73
N ASN D 81 6.13 7.22 13.80
CA ASN D 81 5.75 7.72 15.12
C ASN D 81 6.61 8.93 15.43
N LYS D 82 6.07 10.13 15.22
CA LYS D 82 6.87 11.33 15.35
C LYS D 82 7.33 11.59 16.78
N VAL D 83 6.47 11.31 17.74
CA VAL D 83 6.80 11.51 19.15
C VAL D 83 7.97 10.64 19.57
N GLN D 84 7.85 9.35 19.31
CA GLN D 84 8.84 8.38 19.75
C GLN D 84 10.12 8.46 18.94
N SER D 85 10.04 9.06 17.75
CA SER D 85 11.19 9.18 16.89
C SER D 85 12.03 10.42 17.16
N ALA D 86 11.46 11.36 17.90
CA ALA D 86 12.09 12.66 18.10
C ALA D 86 13.50 12.53 18.69
N ARG D 87 13.66 11.58 19.60
CA ARG D 87 14.95 11.39 20.24
C ARG D 87 16.00 10.73 19.34
N PHE D 88 15.60 10.31 18.15
CA PHE D 88 16.53 9.60 17.26
C PHE D 88 17.26 10.52 16.27
N TRP D 89 16.82 11.78 16.13
CA TRP D 89 17.51 12.69 15.23
C TRP D 89 18.72 13.32 15.91
N ILE D 90 19.77 13.59 15.14
CA ILE D 90 20.89 14.41 15.60
C ILE D 90 20.32 15.79 15.92
N PRO D 91 20.73 16.39 17.05
CA PRO D 91 20.28 17.74 17.43
C PRO D 91 20.35 18.73 16.27
N GLY D 92 19.22 19.40 16.01
CA GLY D 92 19.13 20.35 14.91
C GLY D 92 18.61 19.74 13.62
N GLU D 93 18.60 18.42 13.55
CA GLU D 93 18.04 17.73 12.39
C GLU D 93 16.61 17.27 12.71
N PRO D 94 15.75 17.18 11.68
CA PRO D 94 16.04 17.46 10.27
C PRO D 94 16.02 18.95 9.98
N ASN D 95 17.00 19.44 9.23
CA ASN D 95 17.09 20.87 8.97
C ASN D 95 16.81 21.28 7.52
N ASN D 96 16.52 20.31 6.66
CA ASN D 96 16.19 20.58 5.25
C ASN D 96 17.19 21.55 4.59
N ALA D 97 18.48 21.23 4.68
CA ALA D 97 19.52 22.11 4.15
C ALA D 97 19.29 22.42 2.67
N GLY D 98 19.26 23.71 2.33
CA GLY D 98 19.03 24.13 0.96
C GLY D 98 17.63 23.77 0.46
N ASN D 99 16.72 23.51 1.39
CA ASN D 99 15.37 23.04 1.06
C ASN D 99 15.36 21.81 0.17
N ASN D 100 16.33 20.93 0.35
CA ASN D 100 16.44 19.80 -0.54
C ASN D 100 16.86 18.51 0.15
N GLU D 101 16.49 18.35 1.42
CA GLU D 101 16.86 17.13 2.15
C GLU D 101 15.62 16.34 2.55
N HIS D 102 15.22 15.42 1.68
CA HIS D 102 13.94 14.76 1.81
C HIS D 102 14.06 13.26 2.09
N CYS D 103 15.27 12.81 2.43
CA CYS D 103 15.52 11.42 2.81
C CYS D 103 16.45 11.43 4.01
N GLY D 104 16.48 10.32 4.76
CA GLY D 104 17.24 10.31 6.00
C GLY D 104 18.20 9.15 6.09
N ASN D 105 19.29 9.36 6.84
CA ASN D 105 20.32 8.34 7.03
C ASN D 105 20.77 8.29 8.49
N ILE D 106 21.47 7.21 8.87
CA ILE D 106 22.11 7.13 10.16
C ILE D 106 23.51 7.73 9.96
N LYS D 107 23.85 8.70 10.79
CA LYS D 107 25.08 9.46 10.62
C LYS D 107 26.00 9.43 11.84
N ALA D 108 25.41 9.55 13.03
CA ALA D 108 26.20 9.57 14.27
C ALA D 108 26.04 8.28 15.06
N PRO D 109 27.11 7.84 15.74
CA PRO D 109 27.00 6.68 16.62
C PRO D 109 26.47 7.09 17.98
N SER D 110 25.17 7.29 18.04
CA SER D 110 24.49 7.79 19.22
C SER D 110 23.02 7.43 19.04
N LEU D 111 22.23 7.41 20.11
CA LEU D 111 20.78 7.26 19.96
C LEU D 111 20.27 8.41 19.11
N GLN D 112 20.93 9.58 19.23
CA GLN D 112 20.63 10.70 18.37
CA GLN D 112 20.64 10.72 18.38
C GLN D 112 21.51 10.59 17.13
N ALA D 113 21.00 9.85 16.14
CA ALA D 113 21.80 9.42 15.01
C ALA D 113 21.40 9.95 13.62
N TRP D 114 20.14 10.30 13.42
CA TRP D 114 19.66 10.54 12.06
C TRP D 114 19.93 11.94 11.52
N ASN D 115 20.22 12.00 10.23
CA ASN D 115 20.28 13.28 9.53
C ASN D 115 19.44 13.19 8.27
N ASP D 116 18.81 14.29 7.88
CA ASP D 116 18.22 14.41 6.55
C ASP D 116 19.26 14.90 5.52
N ALA D 117 19.27 14.25 4.36
CA ALA D 117 20.18 14.58 3.28
C ALA D 117 19.46 14.49 1.93
N PRO D 118 20.06 15.06 0.87
CA PRO D 118 19.40 14.99 -0.44
C PRO D 118 19.28 13.55 -0.94
N CYS D 119 18.08 13.17 -1.38
CA CYS D 119 17.80 11.82 -1.84
C CYS D 119 18.72 11.37 -2.97
N ASP D 120 19.18 12.33 -3.77
CA ASP D 120 20.00 12.02 -4.95
C ASP D 120 21.51 11.94 -4.67
N LYS D 121 21.88 12.13 -3.41
CA LYS D 121 23.24 11.90 -2.95
C LYS D 121 23.51 10.40 -2.73
N THR D 122 24.73 9.93 -2.99
CA THR D 122 25.04 8.52 -2.76
C THR D 122 25.66 8.28 -1.38
N PHE D 123 25.12 7.29 -0.67
CA PHE D 123 25.69 6.81 0.59
C PHE D 123 25.56 5.30 0.60
N LEU D 124 26.26 4.64 1.52
CA LEU D 124 25.98 3.24 1.79
C LEU D 124 24.58 3.18 2.37
N PHE D 125 24.04 1.97 2.51
CA PHE D 125 22.64 1.83 2.93
C PHE D 125 22.43 0.53 3.72
N ILE D 126 21.33 0.48 4.48
CA ILE D 126 20.97 -0.73 5.24
C ILE D 126 19.61 -1.27 4.83
N CYS D 127 19.57 -2.54 4.39
CA CYS D 127 18.31 -3.23 4.09
C CYS D 127 17.87 -4.06 5.29
N LYS D 128 16.56 -4.23 5.43
CA LYS D 128 15.99 -5.06 6.50
C LYS D 128 14.97 -6.02 5.91
N ARG D 129 15.04 -7.28 6.32
CA ARG D 129 14.01 -8.23 5.96
C ARG D 129 13.71 -9.19 7.10
N PRO D 130 12.44 -9.61 7.21
CA PRO D 130 12.02 -10.56 8.26
C PRO D 130 12.74 -11.88 8.16
N TYR D 131 12.94 -12.53 9.30
CA TYR D 131 13.31 -13.93 9.32
C TYR D 131 12.12 -14.67 8.71
N VAL D 132 12.40 -15.57 7.78
CA VAL D 132 11.33 -16.32 7.13
C VAL D 132 11.62 -17.83 7.09
C2 BGC E . -22.30 -20.60 23.85
C3 BGC E . -20.95 -19.94 23.57
C4 BGC E . -20.37 -20.50 22.26
C5 BGC E . -21.40 -20.42 21.13
C6 BGC E . -20.92 -21.18 19.89
C1 BGC E . -23.22 -20.37 22.66
O1 BGC E . -24.49 -20.93 22.89
O2 BGC E . -22.88 -20.09 25.03
O3 BGC E . -20.06 -20.17 24.64
O4 BGC E . -19.23 -19.75 21.92
O5 BGC E . -22.65 -20.98 21.52
O6 BGC E . -20.70 -22.53 20.22
C1 GAL E . -18.04 -20.57 21.87
C2 GAL E . -16.95 -19.73 21.14
C3 GAL E . -15.60 -20.46 21.11
C4 GAL E . -15.20 -20.89 22.53
C5 GAL E . -16.33 -21.66 23.17
C6 GAL E . -16.10 -21.97 24.64
O2 GAL E . -17.33 -19.45 19.81
O3 GAL E . -14.58 -19.60 20.63
O4 GAL E . -14.90 -19.74 23.33
O5 GAL E . -17.59 -20.93 23.15
O6 GAL E . -16.89 -23.08 25.02
C1 NAG E . -13.59 -20.32 19.89
C2 NAG E . -13.09 -19.39 18.77
C3 NAG E . -11.88 -20.01 18.06
C4 NAG E . -10.81 -20.39 19.07
C5 NAG E . -11.42 -21.32 20.12
C6 NAG E . -10.44 -21.68 21.20
C7 NAG E . -14.80 -17.94 17.77
C8 NAG E . -15.89 -17.83 16.73
N2 NAG E . -14.16 -19.11 17.82
O3 NAG E . -11.35 -19.07 17.14
O4 NAG E . -9.73 -21.06 18.44
O5 NAG E . -12.51 -20.64 20.76
O6 NAG E . -11.00 -22.63 22.11
O7 NAG E . -14.52 -17.00 18.50
C2 BGC F . 24.98 13.10 -25.89
C3 BGC F . 23.82 12.13 -25.71
C4 BGC F . 24.24 10.80 -25.03
C5 BGC F . 25.15 11.10 -23.83
C6 BGC F . 25.62 9.85 -23.09
C1 BGC F . 25.92 13.14 -24.68
O1 BGC F . 27.10 13.83 -25.02
O2 BGC F . 24.44 14.40 -26.11
O3 BGC F . 23.21 11.91 -26.97
O4 BGC F . 23.07 10.14 -24.60
O5 BGC F . 26.28 11.84 -24.27
O6 BGC F . 26.36 8.99 -23.94
C1 GAL F . 23.02 8.77 -25.05
C2 GAL F . 21.83 8.11 -24.31
C3 GAL F . 21.44 6.73 -24.87
C4 GAL F . 21.40 6.74 -26.42
C5 GAL F . 22.71 7.34 -26.92
C6 GAL F . 22.88 7.43 -28.45
O2 GAL F . 22.11 7.95 -22.92
O3 GAL F . 20.13 6.35 -24.41
O4 GAL F . 20.29 7.50 -26.90
O5 GAL F . 22.86 8.66 -26.45
O6 GAL F . 24.18 7.91 -28.75
C1 NAG F . 20.03 4.92 -24.29
C2 NAG F . 19.24 4.67 -23.01
C3 NAG F . 18.80 3.20 -22.90
C4 NAG F . 18.12 2.73 -24.17
C5 NAG F . 19.03 3.01 -25.36
C6 NAG F . 18.41 2.65 -26.68
C7 NAG F . 19.77 6.15 -21.12
C8 NAG F . 20.70 6.42 -19.97
N2 NAG F . 20.02 5.05 -21.84
O3 NAG F . 17.88 3.08 -21.82
O4 NAG F . 17.83 1.34 -24.07
O5 NAG F . 19.31 4.41 -25.42
O6 NAG F . 19.28 2.96 -27.77
O7 NAG F . 18.83 6.90 -21.37
C1 GAL G . -34.93 -7.15 -0.86
C2 GAL G . -33.52 -6.53 -1.17
C3 GAL G . -33.59 -5.01 -1.45
C4 GAL G . -34.72 -4.66 -2.41
C5 GAL G . -36.02 -5.31 -1.90
C6 GAL G . -37.22 -5.06 -2.79
O1 GAL G . -34.89 -8.56 -0.87
O2 GAL G . -32.62 -6.70 -0.08
O3 GAL G . -32.38 -4.56 -2.08
O4 GAL G . -34.40 -5.13 -3.73
O5 GAL G . -35.88 -6.73 -1.82
O6 GAL G . -37.16 -5.84 -3.96
C1 NAG G . -32.19 -3.15 -1.87
C2 NAG G . -30.71 -2.93 -1.46
C3 NAG G . -30.37 -1.44 -1.44
C4 NAG G . -30.73 -0.82 -2.78
C5 NAG G . -32.21 -1.05 -3.07
C6 NAG G . -32.63 -0.50 -4.40
C7 NAG G . -29.72 -4.66 -0.01
C8 NAG G . -29.56 -5.14 1.40
N2 NAG G . -30.44 -3.54 -0.16
O3 NAG G . -28.98 -1.28 -1.18
O4 NAG G . -30.44 0.58 -2.76
O5 NAG G . -32.46 -2.46 -3.10
O6 NAG G . -34.03 -0.21 -4.42
O7 NAG G . -29.22 -5.25 -0.97
C2 BGC H . 35.32 18.27 4.14
C3 BGC H . 33.99 17.65 4.60
C4 BGC H . 32.79 18.48 4.16
C5 BGC H . 32.91 18.86 2.68
C6 BGC H . 31.77 19.76 2.20
C1 BGC H . 35.25 18.70 2.68
O1 BGC H . 36.41 19.40 2.33
O2 BGC H . 36.33 17.31 4.30
O3 BGC H . 34.02 17.49 6.01
O4 BGC H . 31.63 17.70 4.40
O5 BGC H . 34.14 19.54 2.48
O6 BGC H . 31.66 20.90 3.02
C1 GAL H . 30.75 18.48 5.24
C2 GAL H . 29.37 17.83 5.12
C3 GAL H . 28.38 18.46 6.08
C4 GAL H . 28.96 18.55 7.50
C5 GAL H . 30.34 19.18 7.46
C6 GAL H . 31.06 19.16 8.79
O2 GAL H . 28.83 17.95 3.80
O3 GAL H . 27.25 17.61 6.17
O4 GAL H . 29.05 17.24 8.05
O5 GAL H . 31.19 18.49 6.57
O6 GAL H . 32.21 19.98 8.73
C1 NAG H . 26.08 18.40 6.43
C2 NAG H . 24.87 17.64 5.84
C3 NAG H . 23.55 18.29 6.30
C4 NAG H . 23.55 18.39 7.82
C5 NAG H . 24.77 19.20 8.24
C6 NAG H . 24.88 19.42 9.73
C7 NAG H . 25.12 16.49 3.70
C8 NAG H . 25.18 16.65 2.20
N2 NAG H . 24.93 17.61 4.39
O3 NAG H . 22.44 17.53 5.86
O4 NAG H . 22.37 19.02 8.28
O5 NAG H . 25.94 18.50 7.83
O6 NAG H . 25.90 20.37 10.01
O7 NAG H . 25.22 15.40 4.24
CA CA I . -8.81 -19.40 16.87
CA CA J . 16.49 0.99 -21.93
CA CA K . -27.98 0.81 -2.23
CA CA L . 20.37 17.80 7.38
#